data_1F2X
#
_entry.id   1F2X
#
_cell.length_a   29.980
_cell.length_b   43.860
_cell.length_c   87.950
_cell.angle_alpha   90.00
_cell.angle_beta   93.23
_cell.angle_gamma   90.00
#
_symmetry.space_group_name_H-M   'P 1 21 1'
#
loop_
_entity.id
_entity.type
_entity.pdbx_description
1 polymer 'ANTIBODY HEAVY CHAIN'
2 water water
#
_entity_poly.entity_id   1
_entity_poly.type   'polypeptide(L)'
_entity_poly.pdbx_seq_one_letter_code
;QVQLVESGGGSVQAGGSLRLSCAASGYTVSTYCMGWFRQAPGKEREGVATILGGSTYYGDSVKGRFTISQDNAKNTVYLQ
MNSLKPEDTAIYYCAGSTVASTGWCSRLRPYDYHYRGQGTQVTVSSRGRHHHHHH
;
_entity_poly.pdbx_strand_id   K,L
#
# COMPACT_ATOMS: atom_id res chain seq x y z
N GLN A 1 -12.01 -5.06 -28.19
CA GLN A 1 -13.11 -4.35 -27.48
C GLN A 1 -12.60 -3.43 -26.38
N VAL A 2 -13.35 -3.27 -25.30
CA VAL A 2 -12.94 -2.46 -24.17
C VAL A 2 -12.64 -3.42 -23.02
N GLN A 3 -11.47 -3.24 -22.44
CA GLN A 3 -11.04 -4.11 -21.34
C GLN A 3 -10.62 -3.32 -20.11
N LEU A 4 -11.12 -3.69 -18.95
CA LEU A 4 -10.72 -3.09 -17.67
C LEU A 4 -10.00 -4.18 -16.86
N VAL A 5 -8.75 -3.95 -16.50
CA VAL A 5 -8.01 -4.99 -15.77
C VAL A 5 -7.50 -4.46 -14.42
N GLU A 6 -7.98 -5.11 -13.37
CA GLU A 6 -7.66 -4.71 -12.02
C GLU A 6 -6.45 -5.52 -11.55
N SER A 7 -5.58 -4.92 -10.78
CA SER A 7 -4.44 -5.62 -10.20
C SER A 7 -4.10 -4.93 -8.89
N GLY A 8 -3.18 -5.54 -8.12
CA GLY A 8 -2.81 -4.87 -6.87
C GLY A 8 -3.44 -5.52 -5.65
N GLY A 9 -4.37 -6.44 -5.85
CA GLY A 9 -5.02 -7.03 -4.66
C GLY A 9 -4.06 -8.05 -4.01
N GLY A 10 -4.50 -8.62 -2.92
CA GLY A 10 -3.75 -9.63 -2.20
C GLY A 10 -4.31 -9.80 -0.79
N SER A 11 -3.49 -10.36 0.10
CA SER A 11 -3.85 -10.62 1.49
C SER A 11 -2.92 -9.81 2.37
N VAL A 12 -3.47 -9.01 3.28
CA VAL A 12 -2.64 -8.13 4.07
C VAL A 12 -3.16 -8.11 5.48
N GLN A 13 -2.30 -7.69 6.40
CA GLN A 13 -2.74 -7.65 7.79
C GLN A 13 -3.48 -6.34 8.06
N ALA A 14 -4.43 -6.41 8.96
CA ALA A 14 -5.18 -5.24 9.39
C ALA A 14 -4.21 -4.12 9.76
N GLY A 15 -4.59 -2.88 9.48
CA GLY A 15 -3.78 -1.70 9.69
C GLY A 15 -2.93 -1.39 8.45
N GLY A 16 -2.69 -2.36 7.57
CA GLY A 16 -1.84 -2.18 6.41
C GLY A 16 -2.48 -1.40 5.28
N SER A 17 -1.77 -1.25 4.16
CA SER A 17 -2.22 -0.57 2.99
C SER A 17 -2.09 -1.44 1.75
N LEU A 18 -2.78 -1.06 0.69
CA LEU A 18 -2.64 -1.72 -0.60
C LEU A 18 -2.87 -0.63 -1.65
N ARG A 19 -2.53 -0.90 -2.90
CA ARG A 19 -2.84 0.07 -3.95
C ARG A 19 -3.39 -0.71 -5.14
N LEU A 20 -4.68 -0.50 -5.40
CA LEU A 20 -5.28 -1.24 -6.52
C LEU A 20 -5.12 -0.39 -7.79
N SER A 21 -4.97 -1.09 -8.91
CA SER A 21 -4.89 -0.33 -10.15
C SER A 21 -5.91 -0.91 -11.13
N CYS A 22 -6.41 0.00 -11.95
CA CYS A 22 -7.35 -0.39 -12.99
C CYS A 22 -6.89 0.18 -14.33
N ALA A 23 -6.36 -0.71 -15.16
CA ALA A 23 -5.81 -0.32 -16.47
C ALA A 23 -6.88 -0.44 -17.54
N ALA A 24 -7.17 0.62 -18.27
CA ALA A 24 -8.22 0.53 -19.27
C ALA A 24 -7.62 0.35 -20.67
N SER A 25 -8.26 -0.45 -21.48
CA SER A 25 -7.85 -0.61 -22.87
C SER A 25 -9.02 -0.26 -23.79
N GLY A 26 -8.80 0.61 -24.77
CA GLY A 26 -9.79 1.04 -25.73
C GLY A 26 -10.81 2.01 -25.15
N TYR A 27 -10.43 2.70 -24.09
CA TYR A 27 -11.34 3.59 -23.36
C TYR A 27 -10.47 4.57 -22.59
N THR A 28 -10.65 5.86 -22.76
CA THR A 28 -9.84 6.86 -22.08
C THR A 28 -10.46 7.08 -20.69
N VAL A 29 -9.65 6.92 -19.65
CA VAL A 29 -10.14 7.03 -18.29
C VAL A 29 -10.51 8.42 -17.80
N SER A 30 -9.86 9.47 -18.30
CA SER A 30 -10.09 10.80 -17.78
C SER A 30 -11.29 11.54 -18.34
N THR A 31 -11.98 11.02 -19.33
CA THR A 31 -13.12 11.73 -19.90
C THR A 31 -14.45 11.26 -19.34
N TYR A 32 -14.51 10.05 -18.76
CA TYR A 32 -15.79 9.57 -18.24
C TYR A 32 -15.73 9.22 -16.75
N CYS A 33 -16.89 9.20 -16.12
CA CYS A 33 -17.04 8.83 -14.75
C CYS A 33 -16.63 7.35 -14.59
N MET A 34 -15.62 7.14 -13.75
CA MET A 34 -15.24 5.75 -13.44
C MET A 34 -15.33 5.56 -11.91
N GLY A 35 -15.28 4.30 -11.46
CA GLY A 35 -15.26 4.05 -10.04
C GLY A 35 -14.97 2.61 -9.64
N TRP A 36 -14.96 2.40 -8.32
CA TRP A 36 -14.75 1.08 -7.76
C TRP A 36 -15.99 0.77 -6.91
N PHE A 37 -16.40 -0.48 -6.93
CA PHE A 37 -17.44 -0.98 -6.05
C PHE A 37 -16.84 -2.29 -5.47
N ARG A 38 -17.40 -2.78 -4.37
CA ARG A 38 -16.86 -4.03 -3.82
C ARG A 38 -18.06 -4.91 -3.49
N GLN A 39 -17.77 -6.19 -3.28
CA GLN A 39 -18.74 -7.17 -2.85
C GLN A 39 -18.09 -8.10 -1.80
N ALA A 40 -18.53 -8.00 -0.59
CA ALA A 40 -18.03 -8.79 0.51
C ALA A 40 -18.80 -10.12 0.57
N PRO A 41 -18.14 -11.17 1.04
CA PRO A 41 -18.76 -12.48 0.99
C PRO A 41 -19.95 -12.59 1.92
N GLY A 42 -21.10 -12.85 1.34
CA GLY A 42 -22.36 -12.98 2.05
C GLY A 42 -23.22 -11.72 1.96
N LYS A 43 -22.65 -10.67 1.36
CA LYS A 43 -23.32 -9.38 1.30
C LYS A 43 -23.52 -8.80 -0.09
N GLU A 44 -24.39 -7.81 -0.15
CA GLU A 44 -24.70 -7.04 -1.33
C GLU A 44 -23.55 -6.05 -1.62
N ARG A 45 -23.42 -5.76 -2.90
CA ARG A 45 -22.39 -4.90 -3.45
C ARG A 45 -22.56 -3.50 -2.89
N GLU A 46 -21.45 -2.78 -2.82
CA GLU A 46 -21.43 -1.43 -2.27
C GLU A 46 -20.49 -0.54 -3.08
N GLY A 47 -20.90 0.71 -3.26
CA GLY A 47 -20.09 1.71 -3.92
C GLY A 47 -18.90 2.10 -3.05
N VAL A 48 -17.69 2.18 -3.62
CA VAL A 48 -16.55 2.56 -2.83
C VAL A 48 -16.03 3.95 -3.20
N ALA A 49 -15.75 4.19 -4.47
CA ALA A 49 -15.24 5.53 -4.82
C ALA A 49 -15.54 5.80 -6.29
N THR A 50 -15.73 7.04 -6.72
CA THR A 50 -15.90 7.37 -8.12
C THR A 50 -15.06 8.61 -8.42
N ILE A 51 -14.77 8.80 -9.71
CA ILE A 51 -13.92 9.89 -10.14
C ILE A 51 -14.28 10.33 -11.55
N LEU A 52 -14.28 11.66 -11.72
CA LEU A 52 -14.53 12.29 -13.01
C LEU A 52 -13.62 13.54 -13.03
N GLY A 53 -12.52 13.41 -13.76
CA GLY A 53 -11.58 14.53 -13.84
C GLY A 53 -11.02 14.79 -12.46
N GLY A 54 -11.18 16.04 -12.01
CA GLY A 54 -10.68 16.35 -10.69
C GLY A 54 -11.69 16.06 -9.59
N SER A 55 -12.90 15.61 -9.88
CA SER A 55 -13.88 15.42 -8.81
C SER A 55 -13.90 13.98 -8.30
N THR A 56 -13.81 13.83 -6.99
CA THR A 56 -13.78 12.50 -6.37
C THR A 56 -14.84 12.35 -5.30
N TYR A 57 -15.39 11.15 -5.13
CA TYR A 57 -16.46 10.80 -4.23
C TYR A 57 -16.14 9.44 -3.58
N TYR A 58 -16.42 9.36 -2.29
CA TYR A 58 -16.12 8.20 -1.49
C TYR A 58 -17.34 7.72 -0.70
N GLY A 59 -17.40 6.41 -0.54
CA GLY A 59 -18.48 5.82 0.25
C GLY A 59 -18.22 6.30 1.69
N ASP A 60 -19.28 6.42 2.49
CA ASP A 60 -19.13 6.96 3.83
C ASP A 60 -18.23 6.16 4.75
N SER A 61 -18.13 4.82 4.62
CA SER A 61 -17.26 4.10 5.55
C SER A 61 -15.81 4.06 5.10
N VAL A 62 -15.45 4.52 3.90
CA VAL A 62 -14.05 4.46 3.51
C VAL A 62 -13.50 5.87 3.38
N LYS A 63 -14.36 6.88 3.57
CA LYS A 63 -13.85 8.24 3.35
C LYS A 63 -12.80 8.57 4.39
N GLY A 64 -11.69 9.17 3.94
CA GLY A 64 -10.59 9.44 4.84
C GLY A 64 -9.51 8.37 4.81
N ARG A 65 -9.81 7.11 4.47
CA ARG A 65 -8.81 6.06 4.40
C ARG A 65 -8.37 5.67 2.99
N PHE A 66 -9.27 5.81 2.02
CA PHE A 66 -9.04 5.48 0.62
C PHE A 66 -8.89 6.76 -0.22
N THR A 67 -8.13 6.67 -1.29
CA THR A 67 -7.97 7.77 -2.22
C THR A 67 -8.03 7.21 -3.65
N ILE A 68 -8.85 7.85 -4.48
CA ILE A 68 -8.95 7.38 -5.87
C ILE A 68 -8.23 8.43 -6.70
N SER A 69 -7.49 8.07 -7.72
CA SER A 69 -6.77 9.05 -8.50
C SER A 69 -6.57 8.44 -9.88
N GLN A 70 -6.15 9.26 -10.84
CA GLN A 70 -5.97 8.67 -12.18
C GLN A 70 -4.65 9.16 -12.75
N ASP A 71 -4.14 8.36 -13.67
CA ASP A 71 -2.91 8.67 -14.39
C ASP A 71 -3.28 8.61 -15.88
N ASN A 72 -3.42 9.77 -16.48
CA ASN A 72 -3.81 9.88 -17.87
C ASN A 72 -2.74 9.33 -18.82
N ALA A 73 -1.48 9.47 -18.47
CA ALA A 73 -0.40 8.94 -19.30
C ALA A 73 -0.39 7.41 -19.31
N LYS A 74 -0.79 6.78 -18.21
CA LYS A 74 -0.83 5.31 -18.18
C LYS A 74 -2.22 4.77 -18.44
N ASN A 75 -3.19 5.67 -18.58
CA ASN A 75 -4.60 5.35 -18.76
C ASN A 75 -5.06 4.39 -17.65
N THR A 76 -4.72 4.72 -16.42
CA THR A 76 -4.95 3.87 -15.25
C THR A 76 -5.61 4.65 -14.14
N VAL A 77 -6.51 3.97 -13.42
CA VAL A 77 -7.16 4.58 -12.27
C VAL A 77 -6.67 3.80 -11.06
N TYR A 78 -6.27 4.49 -10.01
CA TYR A 78 -5.80 3.85 -8.79
C TYR A 78 -6.78 4.00 -7.64
N LEU A 79 -6.69 3.03 -6.75
CA LEU A 79 -7.41 3.07 -5.49
C LEU A 79 -6.36 2.81 -4.38
N GLN A 80 -5.96 3.86 -3.70
CA GLN A 80 -5.06 3.72 -2.58
C GLN A 80 -5.91 3.44 -1.32
N MET A 81 -5.60 2.32 -0.66
CA MET A 81 -6.35 1.92 0.51
C MET A 81 -5.44 1.91 1.74
N ASN A 82 -5.73 2.75 2.70
CA ASN A 82 -4.95 2.85 3.93
C ASN A 82 -5.76 2.36 5.12
N SER A 83 -5.07 2.03 6.20
CA SER A 83 -5.62 1.52 7.42
C SER A 83 -6.73 0.50 7.18
N LEU A 84 -6.38 -0.58 6.49
CA LEU A 84 -7.35 -1.61 6.16
C LEU A 84 -7.88 -2.32 7.39
N LYS A 85 -9.15 -2.67 7.32
CA LYS A 85 -9.81 -3.42 8.40
C LYS A 85 -10.37 -4.72 7.82
N PRO A 86 -10.59 -5.70 8.67
CA PRO A 86 -11.19 -6.96 8.28
C PRO A 86 -12.49 -6.76 7.52
N GLU A 87 -13.32 -5.79 7.80
CA GLU A 87 -14.56 -5.47 7.09
C GLU A 87 -14.31 -4.99 5.66
N ASP A 88 -13.08 -4.61 5.30
CA ASP A 88 -12.75 -4.21 3.93
C ASP A 88 -12.53 -5.41 3.02
N THR A 89 -12.50 -6.62 3.59
CA THR A 89 -12.31 -7.83 2.82
C THR A 89 -13.42 -7.99 1.78
N ALA A 90 -13.10 -8.17 0.51
CA ALA A 90 -14.09 -8.25 -0.54
C ALA A 90 -13.43 -8.39 -1.92
N ILE A 91 -14.30 -8.58 -2.93
CA ILE A 91 -13.74 -8.51 -4.30
C ILE A 91 -13.98 -7.02 -4.66
N TYR A 92 -13.01 -6.36 -5.21
CA TYR A 92 -13.05 -4.98 -5.65
C TYR A 92 -13.12 -4.97 -7.18
N TYR A 93 -14.09 -4.28 -7.73
CA TYR A 93 -14.29 -4.19 -9.16
C TYR A 93 -14.11 -2.76 -9.66
N CYS A 94 -13.41 -2.64 -10.74
CA CYS A 94 -13.24 -1.36 -11.41
C CYS A 94 -14.38 -1.19 -12.42
N ALA A 95 -14.90 0.01 -12.68
CA ALA A 95 -16.00 0.12 -13.65
C ALA A 95 -15.93 1.48 -14.35
N GLY A 96 -16.37 1.57 -15.59
CA GLY A 96 -16.26 2.79 -16.37
C GLY A 96 -17.64 3.01 -17.03
N SER A 97 -18.18 4.20 -16.86
CA SER A 97 -19.46 4.55 -17.43
C SER A 97 -19.23 5.21 -18.81
N THR A 98 -20.32 5.56 -19.45
CA THR A 98 -20.30 6.30 -20.70
C THR A 98 -20.75 7.73 -20.42
N VAL A 99 -20.79 8.14 -19.13
CA VAL A 99 -21.26 9.46 -18.72
C VAL A 99 -20.19 10.42 -18.26
N ALA A 100 -20.33 11.71 -18.57
CA ALA A 100 -19.35 12.72 -18.18
C ALA A 100 -20.01 13.78 -17.31
N SER A 101 -21.04 13.36 -16.61
CA SER A 101 -21.77 14.24 -15.67
C SER A 101 -21.29 14.03 -14.24
N THR A 102 -20.84 15.13 -13.63
CA THR A 102 -20.35 15.13 -12.25
C THR A 102 -21.50 14.78 -11.31
N GLY A 103 -22.69 15.31 -11.50
CA GLY A 103 -23.86 15.00 -10.69
C GLY A 103 -24.15 13.50 -10.67
N TRP A 104 -24.18 12.92 -11.85
CA TRP A 104 -24.40 11.49 -11.97
C TRP A 104 -23.27 10.70 -11.31
N CYS A 105 -22.01 11.10 -11.48
CA CYS A 105 -20.87 10.44 -10.89
C CYS A 105 -20.93 10.46 -9.34
N SER A 106 -21.47 11.53 -8.77
CA SER A 106 -21.63 11.75 -7.37
C SER A 106 -22.61 10.80 -6.69
N ARG A 107 -23.50 10.11 -7.37
CA ARG A 107 -24.38 9.14 -6.79
C ARG A 107 -23.63 7.90 -6.30
N LEU A 108 -22.38 7.72 -6.69
CA LEU A 108 -21.59 6.62 -6.16
C LEU A 108 -22.25 5.28 -6.40
N ARG A 109 -22.60 4.99 -7.66
CA ARG A 109 -23.17 3.69 -8.04
C ARG A 109 -22.40 3.05 -9.18
N PRO A 110 -21.12 2.71 -8.99
CA PRO A 110 -20.31 2.15 -10.06
C PRO A 110 -20.73 0.77 -10.50
N TYR A 111 -21.59 0.11 -9.73
CA TYR A 111 -22.12 -1.19 -10.17
C TYR A 111 -23.15 -1.04 -11.29
N ASP A 112 -23.59 0.17 -11.60
CA ASP A 112 -24.53 0.43 -12.67
C ASP A 112 -23.83 0.85 -13.96
N TYR A 113 -22.50 0.95 -13.92
CA TYR A 113 -21.77 1.46 -15.08
C TYR A 113 -21.65 0.40 -16.16
N HIS A 114 -21.60 0.84 -17.40
CA HIS A 114 -21.51 -0.02 -18.56
C HIS A 114 -20.38 -1.06 -18.52
N TYR A 115 -19.14 -0.62 -18.37
CA TYR A 115 -18.00 -1.52 -18.33
C TYR A 115 -17.59 -1.86 -16.88
N ARG A 116 -17.27 -3.12 -16.68
CA ARG A 116 -16.86 -3.65 -15.39
C ARG A 116 -15.77 -4.69 -15.52
N GLY A 117 -14.78 -4.65 -14.65
CA GLY A 117 -13.67 -5.61 -14.75
C GLY A 117 -14.05 -6.96 -14.17
N GLN A 118 -13.08 -7.87 -14.11
CA GLN A 118 -13.35 -9.18 -13.50
C GLN A 118 -13.18 -9.09 -12.00
N GLY A 119 -12.53 -8.02 -11.47
CA GLY A 119 -12.46 -7.87 -10.02
C GLY A 119 -11.21 -8.50 -9.42
N THR A 120 -10.78 -7.99 -8.26
CA THR A 120 -9.55 -8.49 -7.64
C THR A 120 -9.83 -8.61 -6.15
N GLN A 121 -9.40 -9.72 -5.57
CA GLN A 121 -9.63 -9.99 -4.18
C GLN A 121 -8.70 -9.23 -3.23
N VAL A 122 -9.33 -8.71 -2.19
CA VAL A 122 -8.62 -8.01 -1.13
C VAL A 122 -8.96 -8.75 0.15
N THR A 123 -7.99 -9.40 0.78
CA THR A 123 -8.33 -10.13 2.01
C THR A 123 -7.54 -9.50 3.14
N VAL A 124 -8.24 -9.05 4.18
CA VAL A 124 -7.56 -8.39 5.28
C VAL A 124 -7.63 -9.29 6.50
N SER A 125 -6.51 -9.70 7.07
CA SER A 125 -6.61 -10.57 8.26
C SER A 125 -6.19 -9.81 9.51
N SER A 126 -6.99 -10.00 10.55
CA SER A 126 -6.81 -9.38 11.85
C SER A 126 -5.62 -9.97 12.61
N VAL B 2 13.98 -3.56 24.58
CA VAL B 2 12.66 -3.03 24.27
C VAL B 2 11.77 -4.06 23.55
N GLN B 3 10.71 -3.53 22.94
CA GLN B 3 9.82 -4.35 22.13
C GLN B 3 9.51 -3.55 20.85
N LEU B 4 9.84 -4.16 19.73
CA LEU B 4 9.61 -3.62 18.39
C LEU B 4 8.66 -4.60 17.70
N VAL B 5 7.52 -4.16 17.21
CA VAL B 5 6.61 -5.14 16.60
C VAL B 5 6.20 -4.67 15.21
N GLU B 6 6.53 -5.49 14.21
CA GLU B 6 6.16 -5.16 12.85
C GLU B 6 4.80 -5.78 12.50
N SER B 7 4.10 -5.13 11.58
CA SER B 7 2.87 -5.61 11.00
C SER B 7 2.69 -4.93 9.65
N GLY B 8 1.74 -5.38 8.86
CA GLY B 8 1.46 -4.78 7.55
C GLY B 8 1.92 -5.67 6.41
N GLY B 9 2.61 -6.78 6.71
CA GLY B 9 3.11 -7.67 5.69
C GLY B 9 1.95 -8.35 4.98
N GLY B 10 2.24 -9.05 3.90
CA GLY B 10 1.17 -9.72 3.16
C GLY B 10 1.68 -10.27 1.84
N SER B 11 0.77 -10.67 1.01
CA SER B 11 1.03 -11.25 -0.30
C SER B 11 0.30 -10.48 -1.37
N VAL B 12 1.02 -9.86 -2.30
CA VAL B 12 0.48 -9.01 -3.33
C VAL B 12 1.10 -9.37 -4.67
N GLN B 13 0.52 -8.80 -5.70
CA GLN B 13 1.03 -8.97 -7.06
C GLN B 13 2.11 -7.95 -7.36
N ALA B 14 2.96 -8.30 -8.32
CA ALA B 14 3.96 -7.33 -8.77
C ALA B 14 3.24 -6.05 -9.20
N GLY B 15 3.85 -4.92 -8.84
CA GLY B 15 3.31 -3.61 -9.16
C GLY B 15 2.50 -3.02 -8.01
N GLY B 16 2.08 -3.81 -7.03
CA GLY B 16 1.25 -3.28 -5.94
C GLY B 16 2.07 -2.55 -4.88
N SER B 17 1.44 -2.19 -3.78
CA SER B 17 2.12 -1.48 -2.72
C SER B 17 1.72 -2.10 -1.39
N LEU B 18 2.52 -1.85 -0.39
CA LEU B 18 2.27 -2.23 0.99
C LEU B 18 2.80 -1.10 1.89
N ARG B 19 2.37 -1.12 3.13
CA ARG B 19 2.91 -0.21 4.13
C ARG B 19 3.20 -1.01 5.40
N LEU B 20 4.49 -1.14 5.72
CA LEU B 20 4.85 -1.85 6.95
C LEU B 20 4.94 -0.84 8.09
N SER B 21 4.56 -1.26 9.27
CA SER B 21 4.62 -0.43 10.46
C SER B 21 5.53 -1.13 11.49
N CYS B 22 6.21 -0.34 12.31
CA CYS B 22 7.01 -0.93 13.38
C CYS B 22 6.71 -0.09 14.64
N ALA B 23 6.03 -0.70 15.59
CA ALA B 23 5.61 0.06 16.78
C ALA B 23 6.55 -0.20 17.93
N ALA B 24 7.15 0.85 18.47
CA ALA B 24 8.14 0.66 19.54
C ALA B 24 7.55 0.84 20.93
N SER B 25 7.83 -0.10 21.83
CA SER B 25 7.41 0.00 23.21
C SER B 25 8.68 0.02 24.09
N GLY B 26 8.75 1.03 24.96
CA GLY B 26 9.86 1.20 25.88
C GLY B 26 11.11 1.69 25.14
N TYR B 27 10.90 2.50 24.11
CA TYR B 27 11.95 2.99 23.23
C TYR B 27 11.43 4.15 22.41
N THR B 28 12.08 5.30 22.52
CA THR B 28 11.65 6.47 21.75
C THR B 28 12.32 6.35 20.39
N VAL B 29 11.51 6.35 19.34
CA VAL B 29 12.03 6.17 17.99
C VAL B 29 12.80 7.35 17.43
N SER B 30 12.55 8.56 17.93
CA SER B 30 13.21 9.75 17.42
C SER B 30 14.65 9.97 17.85
N THR B 31 15.08 9.41 18.96
CA THR B 31 16.42 9.66 19.49
C THR B 31 17.57 8.94 18.84
N TYR B 32 17.42 7.67 18.49
CA TYR B 32 18.56 6.94 17.92
C TYR B 32 18.28 6.44 16.51
N CYS B 33 19.31 5.93 15.84
CA CYS B 33 19.19 5.41 14.49
C CYS B 33 18.27 4.20 14.43
N MET B 34 17.28 4.24 13.57
CA MET B 34 16.42 3.09 13.32
C MET B 34 16.45 2.72 11.83
N GLY B 35 16.05 1.49 11.52
CA GLY B 35 15.96 1.07 10.14
C GLY B 35 15.21 -0.25 9.99
N TRP B 36 15.16 -0.67 8.72
CA TRP B 36 14.56 -1.89 8.26
C TRP B 36 15.59 -2.67 7.41
N PHE B 37 15.66 -3.97 7.59
CA PHE B 37 16.51 -4.82 6.79
C PHE B 37 15.62 -6.01 6.33
N ARG B 38 15.97 -6.70 5.28
CA ARG B 38 15.20 -7.84 4.84
C ARG B 38 16.12 -9.06 4.70
N GLN B 39 15.48 -10.23 4.70
CA GLN B 39 16.18 -11.50 4.51
C GLN B 39 15.39 -12.44 3.59
N ALA B 40 15.87 -12.71 2.39
CA ALA B 40 15.22 -13.66 1.48
C ALA B 40 15.73 -15.07 1.76
N PRO B 41 14.90 -16.08 1.57
CA PRO B 41 15.21 -17.46 1.89
C PRO B 41 16.60 -17.95 1.58
N GLY B 42 17.07 -17.97 0.33
CA GLY B 42 18.41 -18.47 0.07
C GLY B 42 19.49 -17.41 -0.10
N LYS B 43 19.30 -16.23 0.50
CA LYS B 43 20.25 -15.13 0.32
C LYS B 43 20.67 -14.49 1.64
N GLU B 44 21.58 -13.51 1.51
CA GLU B 44 22.10 -12.81 2.67
C GLU B 44 21.35 -11.53 3.03
N ARG B 45 21.17 -11.33 4.34
CA ARG B 45 20.49 -10.17 4.89
C ARG B 45 20.91 -8.89 4.16
N GLU B 46 19.95 -7.99 3.98
CA GLU B 46 20.15 -6.76 3.25
C GLU B 46 19.55 -5.54 3.91
N GLY B 47 20.28 -4.42 3.91
CA GLY B 47 19.81 -3.18 4.51
C GLY B 47 18.83 -2.51 3.55
N VAL B 48 17.66 -2.10 4.05
CA VAL B 48 16.66 -1.52 3.17
C VAL B 48 16.57 -0.03 3.32
N ALA B 49 16.36 0.46 4.54
CA ALA B 49 16.26 1.89 4.80
C ALA B 49 16.60 2.18 6.27
N THR B 50 17.08 3.39 6.55
CA THR B 50 17.45 3.82 7.89
C THR B 50 16.98 5.27 8.03
N ILE B 51 16.75 5.68 9.26
CA ILE B 51 16.22 6.99 9.58
C ILE B 51 16.73 7.45 10.95
N LEU B 52 16.94 8.75 11.05
CA LEU B 52 17.35 9.41 12.29
C LEU B 52 16.85 10.86 12.19
N GLY B 53 15.76 11.14 12.89
CA GLY B 53 15.12 12.43 12.91
C GLY B 53 15.56 13.34 11.78
N GLY B 54 14.93 13.20 10.61
CA GLY B 54 15.29 14.06 9.49
C GLY B 54 16.01 13.36 8.36
N SER B 55 17.14 12.71 8.66
CA SER B 55 17.90 12.06 7.60
C SER B 55 17.40 10.64 7.30
N THR B 56 17.32 10.30 6.01
CA THR B 56 16.86 8.98 5.60
C THR B 56 17.81 8.45 4.54
N TYR B 57 18.15 7.17 4.62
CA TYR B 57 19.03 6.47 3.72
C TYR B 57 18.30 5.24 3.18
N TYR B 58 18.56 4.88 1.93
CA TYR B 58 17.88 3.77 1.29
C TYR B 58 18.84 2.84 0.58
N GLY B 59 18.60 1.54 0.63
CA GLY B 59 19.43 0.59 -0.11
C GLY B 59 19.27 0.96 -1.59
N ASP B 60 20.30 0.70 -2.39
CA ASP B 60 20.32 1.04 -3.80
C ASP B 60 19.18 0.48 -4.64
N SER B 61 18.72 -0.74 -4.39
CA SER B 61 17.65 -1.30 -5.21
C SER B 61 16.23 -0.92 -4.80
N VAL B 62 16.02 -0.14 -3.75
CA VAL B 62 14.70 0.25 -3.27
C VAL B 62 14.52 1.77 -3.35
N LYS B 63 15.63 2.44 -3.63
CA LYS B 63 15.68 3.89 -3.76
C LYS B 63 14.64 4.37 -4.77
N GLY B 64 13.79 5.31 -4.36
CA GLY B 64 12.73 5.83 -5.21
C GLY B 64 11.44 5.04 -5.13
N ARG B 65 11.42 3.80 -4.67
CA ARG B 65 10.20 3.02 -4.56
C ARG B 65 9.74 2.94 -3.10
N PHE B 66 10.72 2.84 -2.20
CA PHE B 66 10.42 2.71 -0.78
C PHE B 66 10.67 4.05 -0.06
N THR B 67 9.81 4.32 0.92
CA THR B 67 9.96 5.52 1.74
C THR B 67 9.82 5.14 3.21
N ILE B 68 10.78 5.60 4.01
CA ILE B 68 10.74 5.34 5.46
C ILE B 68 10.30 6.64 6.14
N SER B 69 9.54 6.57 7.21
CA SER B 69 9.13 7.79 7.90
C SER B 69 8.83 7.38 9.34
N GLN B 70 8.64 8.36 10.21
CA GLN B 70 8.37 8.04 11.61
C GLN B 70 7.25 8.94 12.13
N ASP B 71 6.52 8.40 13.10
CA ASP B 71 5.42 9.14 13.72
C ASP B 71 5.82 9.35 15.18
N ASN B 72 6.19 10.59 15.49
CA ASN B 72 6.65 10.96 16.81
C ASN B 72 5.61 10.72 17.90
N ALA B 73 4.34 11.00 17.63
CA ALA B 73 3.30 10.80 18.64
C ALA B 73 2.92 9.33 18.81
N LYS B 74 2.97 8.57 17.73
CA LYS B 74 2.59 7.15 17.82
C LYS B 74 3.77 6.27 18.17
N ASN B 75 4.97 6.85 18.14
CA ASN B 75 6.20 6.13 18.41
C ASN B 75 6.32 4.94 17.46
N THR B 76 6.14 5.23 16.18
CA THR B 76 6.14 4.20 15.14
C THR B 76 6.95 4.59 13.92
N VAL B 77 7.58 3.60 13.31
CA VAL B 77 8.35 3.80 12.08
C VAL B 77 7.59 3.14 10.94
N TYR B 78 7.46 3.79 9.78
CA TYR B 78 6.76 3.23 8.65
C TYR B 78 7.66 3.07 7.44
N LEU B 79 7.41 2.00 6.71
CA LEU B 79 8.09 1.70 5.47
C LEU B 79 7.02 1.56 4.39
N GLN B 80 6.90 2.57 3.54
CA GLN B 80 5.95 2.56 2.43
C GLN B 80 6.66 1.95 1.22
N MET B 81 6.08 0.90 0.67
CA MET B 81 6.69 0.15 -0.42
C MET B 81 5.83 0.22 -1.67
N ASN B 82 6.32 0.93 -2.68
CA ASN B 82 5.60 1.07 -3.94
C ASN B 82 6.30 0.26 -5.03
N SER B 83 5.58 0.04 -6.13
CA SER B 83 6.08 -0.69 -7.29
C SER B 83 6.81 -1.97 -6.87
N LEU B 84 6.13 -2.81 -6.11
CA LEU B 84 6.82 -4.02 -5.64
C LEU B 84 7.19 -4.91 -6.79
N LYS B 85 8.29 -5.64 -6.65
CA LYS B 85 8.80 -6.58 -7.65
C LYS B 85 8.98 -7.91 -6.94
N PRO B 86 9.02 -9.02 -7.68
CA PRO B 86 9.20 -10.36 -7.11
C PRO B 86 10.46 -10.47 -6.28
N GLU B 87 11.51 -9.75 -6.65
CA GLU B 87 12.79 -9.65 -5.99
C GLU B 87 12.69 -9.03 -4.60
N ASP B 88 11.58 -8.34 -4.33
CA ASP B 88 11.32 -7.74 -3.02
C ASP B 88 10.80 -8.76 -2.02
N THR B 89 10.51 -9.99 -2.42
CA THR B 89 9.98 -11.01 -1.53
C THR B 89 10.96 -11.34 -0.44
N ALA B 90 10.51 -11.40 0.83
CA ALA B 90 11.43 -11.66 1.93
C ALA B 90 10.78 -11.36 3.26
N ILE B 91 11.51 -11.57 4.36
CA ILE B 91 11.02 -11.20 5.68
C ILE B 91 11.69 -9.85 5.99
N TYR B 92 10.89 -8.86 6.35
CA TYR B 92 11.35 -7.52 6.65
C TYR B 92 11.44 -7.34 8.17
N TYR B 93 12.56 -6.82 8.63
CA TYR B 93 12.77 -6.65 10.07
C TYR B 93 13.00 -5.18 10.41
N CYS B 94 12.30 -4.80 11.47
CA CYS B 94 12.45 -3.43 11.96
C CYS B 94 13.58 -3.49 13.02
N ALA B 95 14.36 -2.44 13.15
CA ALA B 95 15.45 -2.50 14.13
C ALA B 95 15.75 -1.11 14.65
N GLY B 96 16.23 -1.07 15.90
CA GLY B 96 16.53 0.20 16.56
C GLY B 96 17.93 0.07 17.17
N SER B 97 18.76 1.10 16.95
CA SER B 97 20.11 1.03 17.49
C SER B 97 20.18 1.83 18.79
N THR B 98 21.40 1.90 19.33
CA THR B 98 21.67 2.69 20.52
C THR B 98 22.54 3.87 20.12
N VAL B 99 22.70 4.11 18.81
CA VAL B 99 23.56 5.15 18.30
C VAL B 99 22.86 6.41 17.80
N ALA B 100 23.49 7.54 18.11
CA ALA B 100 23.00 8.87 17.78
C ALA B 100 23.65 9.52 16.57
N SER B 101 24.61 8.86 15.96
CA SER B 101 25.33 9.37 14.80
C SER B 101 24.68 9.18 13.44
N THR B 102 24.66 10.28 12.68
CA THR B 102 24.14 10.30 11.31
C THR B 102 25.05 9.51 10.38
N GLY B 103 26.35 9.64 10.67
CA GLY B 103 27.39 8.96 9.90
C GLY B 103 27.19 7.46 9.99
N TRP B 104 27.02 6.99 11.22
CA TRP B 104 26.83 5.55 11.45
C TRP B 104 25.51 5.06 10.88
N CYS B 105 24.42 5.81 11.00
CA CYS B 105 23.13 5.44 10.44
C CYS B 105 23.20 5.32 8.92
N SER B 106 23.97 6.20 8.28
CA SER B 106 24.21 6.27 6.87
C SER B 106 24.75 5.00 6.25
N ARG B 107 25.39 4.14 7.04
CA ARG B 107 25.97 2.89 6.58
C ARG B 107 24.96 1.84 6.20
N LEU B 108 23.67 2.09 6.46
CA LEU B 108 22.60 1.19 6.06
C LEU B 108 22.86 -0.23 6.49
N ARG B 109 23.07 -0.48 7.78
CA ARG B 109 23.33 -1.80 8.33
C ARG B 109 22.45 -2.09 9.53
N PRO B 110 21.14 -2.07 9.38
CA PRO B 110 20.20 -2.30 10.47
C PRO B 110 20.27 -3.68 11.04
N TYR B 111 20.90 -4.66 10.41
CA TYR B 111 21.08 -5.99 10.95
C TYR B 111 22.04 -6.00 12.14
N ASP B 112 22.89 -4.98 12.29
CA ASP B 112 23.76 -4.88 13.46
C ASP B 112 23.17 -4.09 14.62
N TYR B 113 21.96 -3.57 14.53
CA TYR B 113 21.40 -2.73 15.59
C TYR B 113 21.02 -3.57 16.80
N HIS B 114 21.01 -2.96 17.98
CA HIS B 114 20.71 -3.65 19.22
C HIS B 114 19.37 -4.37 19.24
N TYR B 115 18.30 -3.68 18.87
CA TYR B 115 16.97 -4.28 18.91
C TYR B 115 16.42 -4.63 17.54
N ARG B 116 15.72 -5.76 17.49
CA ARG B 116 15.12 -6.26 16.26
C ARG B 116 13.70 -6.75 16.50
N GLY B 117 12.77 -6.58 15.57
CA GLY B 117 11.42 -7.10 15.76
C GLY B 117 11.36 -8.57 15.39
N GLN B 118 10.18 -9.17 15.30
CA GLN B 118 10.07 -10.57 14.92
C GLN B 118 10.03 -10.71 13.41
N GLY B 119 9.69 -9.64 12.69
CA GLY B 119 9.74 -9.71 11.23
C GLY B 119 8.34 -9.97 10.67
N THR B 120 8.10 -9.41 9.49
CA THR B 120 6.87 -9.56 8.77
C THR B 120 7.24 -10.10 7.37
N GLN B 121 6.43 -11.05 6.92
CA GLN B 121 6.66 -11.66 5.63
C GLN B 121 6.03 -10.84 4.50
N VAL B 122 6.80 -10.62 3.43
CA VAL B 122 6.31 -9.93 2.27
C VAL B 122 6.52 -10.85 1.07
N THR B 123 5.41 -11.12 0.37
CA THR B 123 5.48 -11.99 -0.80
C THR B 123 4.85 -11.28 -1.98
N VAL B 124 5.64 -11.19 -3.03
CA VAL B 124 5.23 -10.52 -4.25
C VAL B 124 5.17 -11.54 -5.39
N SER B 125 4.02 -11.77 -5.97
CA SER B 125 3.84 -12.69 -7.08
C SER B 125 4.03 -11.99 -8.42
N SER B 126 4.52 -12.80 -9.37
CA SER B 126 4.78 -12.33 -10.72
C SER B 126 3.48 -11.88 -11.38
N ARG B 127 3.53 -10.64 -11.84
CA ARG B 127 2.43 -9.95 -12.48
C ARG B 127 1.05 -10.47 -12.11
#